data_6K3Y
#
_entry.id   6K3Y
#
loop_
_entity.id
_entity.type
_entity.pdbx_description
1 polymer "DNA (5'-D(*TP*TP*GP*GP*TP*GP*GP*GP*TP*GP*GP*GP*TP*GP*GP*GP*T)-3')"
2 non-polymer "2-amino-9-[(2R,3R,3aS,5R,7aR,9R,10R,10aS,12R,14aR)-9-(6-amino-9H-purin-9-yl)-3,5,10,12-tetrahydroxy-5,12-dioxidooctahydro-2H,7H-difuro[3,2-d:3',2'-j][1,3,7,9,2,8]tetraoxadiphosphacyclododecin-2-yl]-1,9-dihydro-6H-purin-6-one"
#
_entity_poly.entity_id   1
_entity_poly.type   'polydeoxyribonucleotide'
_entity_poly.pdbx_seq_one_letter_code
;(DT)(DT)(DG)(DG)(DT)(DG)(DG)(DG)(DT)(DG)(DG)(DG)(DT)(DG)(DG)(DG)(DT)
;
_entity_poly.pdbx_strand_id   A
#